data_7RI1
#
_entry.id   7RI1
#
_cell.length_a   119.090
_cell.length_b   119.090
_cell.length_c   110.520
_cell.angle_alpha   90.000
_cell.angle_beta   90.000
_cell.angle_gamma   90.000
#
_symmetry.space_group_name_H-M   'P 42 21 2'
#
loop_
_entity.id
_entity.type
_entity.pdbx_description
1 polymer 'Glycoprotein 120'
2 polymer 'Lamma VHH antibody J3'
3 non-polymer 2-acetamido-2-deoxy-beta-D-glucopyranose
4 non-polymer 'SULFATE ION'
5 water water
#
loop_
_entity_poly.entity_id
_entity_poly.type
_entity_poly.pdbx_seq_one_letter_code
_entity_poly.pdbx_strand_id
1 'polypeptide(L)'
;DIATMYSMQLASCVTLTLVLLVNSVWKEAKTTLFCASDAKAYEKEVHNVWATHACVPTDPNPQEMVLANVTENFNMWKND
MVEQMHEDIISLWDESLKPCVKLTGGSAITQACPKVSFDPIPLHYCAPAGFAILKCNNKTFNGTGPCRNVSTVQCTHGIK
PVVSTQLLLNGSLAEEEIIIRSENLTNNAKTIIVHLNESVNIVCTRPNNGGSGSGGNIRQAHCNINESKWNNTLQKVGEE
LAKHFPSKTIKFEPSSGGDLEITTHSFNCRGEFFYCNTSDLFNGTYRNGTYNHTGRSSNGTITLQCKIKQIINMWQEVGR
AIYAPPIEGEITCNSNITGLLLLRDGGQSNETNDTETFRPGGGDMRDNWRSELYKYKVVEIK
;
A
2 'polypeptide(L)'
;EVQLVESGGGLVQAGGFLRLSCELRGSIFNQYAMAWFRQAPGKEREFVAGMGAVPHYGEFVKGRFTISRDNAKSTVYLQM
SSLKPEDTAIYFCARSKSTYISYNSNGYDYWGRGTQVTVSSAAAHHHHHH
;
B
#
loop_
_chem_comp.id
_chem_comp.type
_chem_comp.name
_chem_comp.formula
NAG D-saccharide, beta linking 2-acetamido-2-deoxy-beta-D-glucopyranose 'C8 H15 N O6'
SO4 non-polymer 'SULFATE ION' 'O4 S -2'
#
# COMPACT_ATOMS: atom_id res chain seq x y z
N TRP A 26 -21.20 19.12 17.31
CA TRP A 26 -20.26 18.12 16.80
C TRP A 26 -20.56 17.74 15.37
N LYS A 27 -20.55 18.72 14.47
CA LYS A 27 -20.87 18.49 13.07
C LYS A 27 -19.59 18.20 12.29
N GLU A 28 -19.51 16.99 11.74
CA GLU A 28 -18.35 16.57 10.96
C GLU A 28 -18.11 17.54 9.82
N ALA A 29 -16.84 17.77 9.50
CA ALA A 29 -16.50 18.81 8.54
C ALA A 29 -15.08 18.65 8.04
N LYS A 30 -14.85 19.14 6.82
CA LYS A 30 -13.51 19.25 6.29
C LYS A 30 -12.93 20.63 6.58
N THR A 31 -11.62 20.68 6.78
CA THR A 31 -10.88 21.91 6.99
C THR A 31 -9.40 21.59 6.90
N THR A 32 -8.61 22.60 6.51
CA THR A 32 -7.18 22.41 6.36
C THR A 32 -6.53 22.27 7.74
N LEU A 33 -6.07 21.06 8.05
CA LEU A 33 -5.28 20.82 9.25
C LEU A 33 -3.88 21.36 9.07
N PHE A 34 -3.17 21.54 10.18
CA PHE A 34 -1.75 21.84 10.12
C PHE A 34 -0.97 20.81 10.92
N CYS A 35 0.26 20.55 10.49
CA CYS A 35 1.12 19.57 11.14
C CYS A 35 1.97 20.26 12.18
N ALA A 36 2.28 19.54 13.25
CA ALA A 36 3.19 20.00 14.27
C ALA A 36 4.20 18.91 14.51
N SER A 37 5.40 19.30 14.88
CA SER A 37 6.40 18.29 15.15
C SER A 37 7.36 18.81 16.19
N ASP A 38 8.17 17.89 16.72
CA ASP A 38 9.27 18.23 17.60
C ASP A 38 10.59 18.31 16.84
N ALA A 39 10.53 18.61 15.54
CA ALA A 39 11.72 18.80 14.73
C ALA A 39 12.70 19.74 15.40
N LYS A 40 13.98 19.51 15.13
CA LYS A 40 15.05 20.16 15.86
C LYS A 40 15.85 21.01 14.89
N ALA A 41 16.07 22.26 15.28
CA ALA A 41 16.64 23.24 14.38
C ALA A 41 18.02 22.85 13.88
N TYR A 42 18.78 22.12 14.70
CA TYR A 42 20.17 21.82 14.36
C TYR A 42 20.33 20.53 13.57
N GLU A 43 19.23 19.85 13.26
CA GLU A 43 19.28 18.52 12.68
C GLU A 43 19.31 18.60 11.15
N LYS A 44 20.29 17.93 10.55
CA LYS A 44 20.38 17.90 9.09
C LYS A 44 19.47 16.84 8.47
N GLU A 45 18.98 15.90 9.27
CA GLU A 45 18.05 14.86 8.79
C GLU A 45 16.86 15.52 8.11
N VAL A 46 16.42 14.94 6.99
CA VAL A 46 15.56 15.74 6.11
C VAL A 46 14.12 15.82 6.59
N HIS A 47 13.68 14.92 7.46
CA HIS A 47 12.35 15.10 8.05
C HIS A 47 12.36 16.31 8.97
N ASN A 48 13.39 16.44 9.80
CA ASN A 48 13.52 17.63 10.65
C ASN A 48 13.57 18.89 9.82
N VAL A 49 14.36 18.89 8.73
CA VAL A 49 14.49 20.09 7.92
C VAL A 49 13.14 20.49 7.35
N TRP A 50 12.41 19.51 6.81
CA TRP A 50 11.11 19.81 6.22
C TRP A 50 10.09 20.27 7.26
N ALA A 51 10.05 19.60 8.43
CA ALA A 51 9.09 19.97 9.45
C ALA A 51 9.43 21.31 10.08
N THR A 52 10.71 21.69 10.06
CA THR A 52 11.10 22.99 10.58
C THR A 52 10.40 24.11 9.84
N HIS A 53 10.31 24.04 8.50
CA HIS A 53 9.60 25.12 7.84
C HIS A 53 8.13 24.80 7.58
N ALA A 54 7.75 23.53 7.54
CA ALA A 54 6.38 23.17 7.18
C ALA A 54 5.45 22.95 8.37
N CYS A 55 5.97 22.75 9.58
CA CYS A 55 5.14 22.49 10.75
C CYS A 55 5.46 23.51 11.85
N VAL A 56 4.60 23.54 12.86
CA VAL A 56 4.79 24.39 14.04
C VAL A 56 5.35 23.52 15.17
N PRO A 57 5.98 24.11 16.18
CA PRO A 57 6.43 23.31 17.33
C PRO A 57 5.26 22.63 18.00
N THR A 58 5.53 21.48 18.60
CA THR A 58 4.47 20.80 19.34
C THR A 58 4.48 21.20 20.81
N ASP A 59 3.32 21.04 21.43
CA ASP A 59 3.12 21.40 22.83
C ASP A 59 3.67 20.30 23.73
N PRO A 60 4.41 20.63 24.78
CA PRO A 60 4.86 19.58 25.72
C PRO A 60 3.72 18.95 26.51
N ASN A 61 2.74 19.74 26.96
CA ASN A 61 1.57 19.23 27.66
C ASN A 61 0.32 19.60 26.87
N PRO A 62 -0.06 18.78 25.88
CA PRO A 62 -1.34 19.01 25.20
C PRO A 62 -2.48 18.58 26.11
N GLN A 63 -3.52 19.40 26.14
CA GLN A 63 -4.70 19.08 26.91
C GLN A 63 -5.53 18.04 26.19
N GLU A 64 -6.20 17.20 26.98
CA GLU A 64 -7.14 16.22 26.45
C GLU A 64 -8.32 16.17 27.40
N MET A 65 -9.53 16.23 26.86
CA MET A 65 -10.75 16.31 27.66
C MET A 65 -11.58 15.07 27.38
N VAL A 66 -11.58 14.12 28.31
CA VAL A 66 -12.40 12.93 28.16
C VAL A 66 -13.87 13.31 28.31
N LEU A 67 -14.73 12.65 27.53
CA LEU A 67 -16.19 12.76 27.61
C LEU A 67 -16.79 11.36 27.59
N ALA A 68 -17.05 10.79 28.77
CA ALA A 68 -17.58 9.43 28.86
C ALA A 68 -19.00 9.29 28.32
N ASN A 69 -19.75 10.40 28.24
CA ASN A 69 -21.16 10.39 27.85
C ASN A 69 -21.36 10.23 26.34
N VAL A 70 -20.76 11.15 25.55
CA VAL A 70 -21.05 11.24 24.12
C VAL A 70 -20.52 10.02 23.37
N THR A 71 -21.29 9.59 22.39
CA THR A 71 -20.86 8.57 21.44
C THR A 71 -20.93 9.16 20.05
N GLU A 72 -19.85 9.04 19.29
CA GLU A 72 -19.78 9.51 17.92
C GLU A 72 -19.40 8.35 17.01
N ASN A 73 -19.79 8.42 15.75
CA ASN A 73 -19.44 7.39 14.77
C ASN A 73 -18.20 7.81 13.98
N PHE A 74 -17.24 6.92 13.89
CA PHE A 74 -16.02 7.15 13.14
C PHE A 74 -16.04 6.33 11.86
N ASN A 75 -15.19 6.72 10.92
CA ASN A 75 -15.04 5.95 9.67
C ASN A 75 -13.62 6.19 9.16
N MET A 76 -12.71 5.28 9.53
CA MET A 76 -11.32 5.43 9.14
C MET A 76 -11.13 5.37 7.63
N TRP A 77 -12.10 4.85 6.88
CA TRP A 77 -11.95 4.66 5.44
C TRP A 77 -12.46 5.84 4.63
N LYS A 78 -13.04 6.84 5.27
CA LYS A 78 -13.52 8.04 4.61
C LYS A 78 -13.16 9.25 5.46
N ASN A 79 -11.90 9.37 5.83
CA ASN A 79 -11.44 10.34 6.81
C ASN A 79 -10.51 11.33 6.12
N ASP A 80 -10.96 12.58 5.97
CA ASP A 80 -10.19 13.57 5.21
C ASP A 80 -8.84 13.84 5.84
N MET A 81 -8.63 13.49 7.11
CA MET A 81 -7.30 13.61 7.70
C MET A 81 -6.27 12.80 6.94
N VAL A 82 -6.66 11.64 6.43
CA VAL A 82 -5.73 10.78 5.71
C VAL A 82 -5.23 11.49 4.46
N GLU A 83 -6.14 12.12 3.72
CA GLU A 83 -5.75 12.75 2.47
C GLU A 83 -4.84 13.95 2.71
N GLN A 84 -5.07 14.69 3.80
CA GLN A 84 -4.18 15.81 4.08
C GLN A 84 -2.80 15.31 4.48
N MET A 85 -2.72 14.24 5.25
CA MET A 85 -1.42 13.67 5.57
C MET A 85 -0.70 13.21 4.31
N HIS A 86 -1.41 12.49 3.43
CA HIS A 86 -0.84 12.04 2.17
C HIS A 86 -0.16 13.18 1.42
N GLU A 87 -0.84 14.33 1.32
CA GLU A 87 -0.28 15.46 0.57
C GLU A 87 0.98 16.00 1.24
N ASP A 88 1.00 16.04 2.57
CA ASP A 88 2.20 16.48 3.27
C ASP A 88 3.37 15.55 3.03
N ILE A 89 3.11 14.23 3.03
CA ILE A 89 4.22 13.28 2.90
C ILE A 89 4.75 13.27 1.48
N ILE A 90 3.87 13.32 0.48
CA ILE A 90 4.32 13.58 -0.88
C ILE A 90 5.21 14.81 -0.88
N SER A 91 4.75 15.86 -0.24
CA SER A 91 5.46 17.13 -0.26
C SER A 91 6.80 17.01 0.45
N LEU A 92 6.85 16.27 1.55
CA LEU A 92 8.13 16.04 2.24
C LEU A 92 9.11 15.27 1.36
N TRP A 93 8.63 14.24 0.67
CA TRP A 93 9.48 13.43 -0.18
C TRP A 93 9.98 14.23 -1.38
N ASP A 94 9.14 15.12 -1.91
CA ASP A 94 9.59 16.00 -2.99
C ASP A 94 10.78 16.87 -2.55
N GLU A 95 10.77 17.38 -1.32
CA GLU A 95 11.89 18.21 -0.89
C GLU A 95 13.10 17.38 -0.43
N SER A 96 12.89 16.13 -0.02
CA SER A 96 13.89 15.36 0.71
C SER A 96 14.62 14.32 -0.15
N LEU A 97 13.87 13.45 -0.80
CA LEU A 97 14.43 12.37 -1.58
C LEU A 97 14.41 12.75 -3.06
N LYS A 98 15.29 13.66 -3.41
CA LYS A 98 15.34 14.11 -4.78
C LYS A 98 15.97 13.04 -5.68
N PRO A 99 15.22 12.49 -6.64
CA PRO A 99 15.84 11.59 -7.61
C PRO A 99 16.68 12.31 -8.66
N CYS A 100 17.72 11.62 -9.13
CA CYS A 100 18.51 12.11 -10.26
C CYS A 100 17.64 12.46 -11.44
N VAL A 101 16.74 11.56 -11.83
CA VAL A 101 15.78 11.87 -12.87
C VAL A 101 14.44 11.26 -12.50
N LYS A 102 13.39 11.98 -12.86
CA LYS A 102 12.02 11.53 -12.64
C LYS A 102 11.37 11.40 -14.02
N LEU A 103 10.79 10.24 -14.31
CA LEU A 103 10.14 9.96 -15.58
C LEU A 103 8.65 9.80 -15.33
N THR A 104 7.84 10.72 -15.84
CA THR A 104 6.38 10.62 -15.72
C THR A 104 5.76 10.76 -17.10
N GLY A 105 5.78 9.67 -17.86
CA GLY A 105 4.96 9.61 -19.06
C GLY A 105 5.45 10.55 -20.13
N GLY A 106 5.10 11.83 -20.05
CA GLY A 106 5.50 12.76 -21.09
C GLY A 106 6.73 13.59 -20.81
N SER A 107 7.39 13.38 -19.67
CA SER A 107 8.39 14.32 -19.19
C SER A 107 9.51 13.60 -18.46
N ALA A 108 10.64 14.29 -18.33
CA ALA A 108 11.82 13.80 -17.61
C ALA A 108 12.43 14.99 -16.90
N ILE A 109 12.37 15.01 -15.58
CA ILE A 109 12.94 16.09 -14.79
C ILE A 109 14.26 15.60 -14.18
N THR A 110 15.30 16.41 -14.31
CA THR A 110 16.63 16.15 -13.79
C THR A 110 16.96 17.08 -12.63
N GLN A 111 17.60 16.56 -11.59
CA GLN A 111 18.10 17.38 -10.49
C GLN A 111 19.39 16.80 -9.96
N ALA A 112 19.99 17.55 -9.04
CA ALA A 112 21.06 17.01 -8.22
C ALA A 112 20.45 16.04 -7.23
N CYS A 113 21.05 14.87 -7.10
CA CYS A 113 20.54 13.81 -6.21
C CYS A 113 21.60 13.43 -5.19
N PRO A 114 22.01 14.35 -4.32
CA PRO A 114 23.02 14.01 -3.33
C PRO A 114 22.45 13.02 -2.34
N LYS A 115 23.32 12.23 -1.74
CA LYS A 115 22.88 11.37 -0.66
C LYS A 115 22.50 12.23 0.55
N VAL A 116 21.64 11.70 1.38
CA VAL A 116 20.90 12.50 2.34
C VAL A 116 20.76 11.68 3.61
N SER A 117 20.62 12.34 4.75
CA SER A 117 20.35 11.59 5.97
C SER A 117 18.83 11.56 6.20
N PHE A 118 18.32 10.39 6.53
CA PHE A 118 16.89 10.14 6.36
C PHE A 118 16.43 9.22 7.47
N ASP A 119 15.57 9.75 8.34
CA ASP A 119 15.02 8.99 9.45
C ASP A 119 13.71 9.60 9.92
N PRO A 120 12.58 8.95 9.68
CA PRO A 120 11.28 9.58 9.93
C PRO A 120 11.11 10.02 11.38
N ILE A 121 10.49 11.19 11.56
CA ILE A 121 10.15 11.70 12.89
C ILE A 121 8.63 11.76 13.06
N PRO A 122 8.12 11.81 14.29
CA PRO A 122 6.67 11.85 14.50
C PRO A 122 6.05 13.19 14.09
N LEU A 123 4.96 13.12 13.34
CA LEU A 123 4.16 14.28 12.99
C LEU A 123 2.83 14.23 13.69
N HIS A 124 2.38 15.37 14.18
CA HIS A 124 1.06 15.51 14.79
C HIS A 124 0.18 16.34 13.87
N TYR A 125 -1.07 15.96 13.75
CA TYR A 125 -1.99 16.76 12.96
C TYR A 125 -2.94 17.49 13.90
N CYS A 126 -3.27 18.71 13.53
CA CYS A 126 -3.86 19.67 14.46
C CYS A 126 -4.99 20.39 13.78
N ALA A 127 -6.06 20.60 14.53
CA ALA A 127 -7.26 21.26 14.03
C ALA A 127 -7.15 22.76 14.27
N PRO A 128 -7.40 23.59 13.27
CA PRO A 128 -7.41 25.04 13.49
C PRO A 128 -8.56 25.43 14.39
N ALA A 129 -8.50 26.66 14.90
CA ALA A 129 -9.55 27.08 15.82
C ALA A 129 -10.89 27.15 15.10
N GLY A 130 -11.95 26.84 15.85
CA GLY A 130 -13.24 26.56 15.27
C GLY A 130 -13.48 25.10 14.97
N PHE A 131 -12.47 24.26 15.08
CA PHE A 131 -12.60 22.82 14.90
C PHE A 131 -11.88 22.12 16.03
N ALA A 132 -12.26 20.87 16.27
CA ALA A 132 -11.60 20.02 17.24
C ALA A 132 -11.31 18.66 16.61
N ILE A 133 -10.45 17.91 17.27
CA ILE A 133 -10.16 16.53 16.89
C ILE A 133 -10.75 15.63 17.96
N LEU A 134 -11.73 14.82 17.57
CA LEU A 134 -12.28 13.78 18.41
C LEU A 134 -11.42 12.53 18.32
N LYS A 135 -11.08 11.97 19.47
CA LYS A 135 -10.25 10.76 19.56
C LYS A 135 -11.08 9.67 20.22
N CYS A 136 -11.19 8.53 19.53
CA CYS A 136 -11.84 7.36 20.09
C CYS A 136 -10.90 6.68 21.10
N ASN A 137 -11.40 6.46 22.31
CA ASN A 137 -10.61 5.78 23.34
C ASN A 137 -10.94 4.31 23.48
N ASN A 138 -11.91 3.80 22.71
CA ASN A 138 -12.25 2.39 22.68
C ASN A 138 -11.07 1.54 22.20
N LYS A 139 -10.45 0.79 23.10
CA LYS A 139 -9.19 0.13 22.77
C LYS A 139 -9.34 -1.07 21.83
N THR A 140 -10.57 -1.51 21.53
CA THR A 140 -10.77 -2.50 20.47
C THR A 140 -11.59 -1.96 19.30
N PHE A 141 -11.57 -0.65 19.07
CA PHE A 141 -12.40 -0.06 18.02
C PHE A 141 -11.86 -0.45 16.66
N ASN A 142 -12.71 -1.02 15.82
CA ASN A 142 -12.22 -1.54 14.56
C ASN A 142 -12.06 -0.45 13.50
N GLY A 143 -12.48 0.78 13.79
CA GLY A 143 -12.35 1.88 12.86
C GLY A 143 -13.64 2.32 12.22
N THR A 144 -14.76 1.67 12.52
CA THR A 144 -16.03 1.94 11.87
C THR A 144 -17.16 1.86 12.88
N GLY A 145 -18.09 2.80 12.79
CA GLY A 145 -19.29 2.76 13.58
C GLY A 145 -19.17 3.53 14.87
N PRO A 146 -20.00 3.19 15.84
CA PRO A 146 -20.05 3.99 17.09
C PRO A 146 -18.90 3.67 18.02
N CYS A 147 -18.35 4.72 18.63
CA CYS A 147 -17.36 4.62 19.69
C CYS A 147 -17.97 5.28 20.92
N ARG A 148 -18.00 4.55 22.04
CA ARG A 148 -18.75 5.04 23.18
C ARG A 148 -17.93 5.99 24.06
N ASN A 149 -16.60 5.89 24.03
CA ASN A 149 -15.73 6.67 24.91
C ASN A 149 -14.88 7.60 24.05
N VAL A 150 -15.28 8.88 23.98
CA VAL A 150 -14.68 9.87 23.10
C VAL A 150 -13.92 10.91 23.94
N SER A 151 -12.77 11.34 23.44
CA SER A 151 -12.00 12.44 24.00
C SER A 151 -11.92 13.58 22.99
N THR A 152 -11.49 14.75 23.47
CA THR A 152 -11.18 15.89 22.64
C THR A 152 -9.72 16.28 22.85
N VAL A 153 -8.99 16.42 21.75
CA VAL A 153 -7.59 16.77 21.77
C VAL A 153 -7.39 17.91 20.78
N GLN A 154 -6.26 18.58 20.89
CA GLN A 154 -5.97 19.61 19.89
C GLN A 154 -5.19 19.04 18.72
N CYS A 155 -4.34 18.06 18.99
CA CYS A 155 -3.53 17.40 17.99
C CYS A 155 -3.57 15.90 18.21
N THR A 156 -3.41 15.15 17.13
CA THR A 156 -3.22 13.71 17.22
C THR A 156 -1.90 13.42 17.95
N HIS A 157 -1.69 12.14 18.26
CA HIS A 157 -0.37 11.74 18.70
C HIS A 157 0.61 11.74 17.52
N GLY A 158 1.89 11.55 17.82
CA GLY A 158 2.94 11.63 16.82
C GLY A 158 3.04 10.37 15.98
N ILE A 159 2.94 10.54 14.66
CA ILE A 159 2.87 9.45 13.69
C ILE A 159 4.12 9.54 12.82
N LYS A 160 4.90 8.47 12.78
CA LYS A 160 6.06 8.46 11.92
C LYS A 160 5.62 8.15 10.49
N PRO A 161 5.88 9.02 9.53
CA PRO A 161 5.38 8.75 8.16
C PRO A 161 6.21 7.69 7.44
N VAL A 162 6.17 6.45 7.92
CA VAL A 162 6.97 5.39 7.32
C VAL A 162 6.27 4.89 6.06
N VAL A 163 6.92 5.06 4.91
CA VAL A 163 6.40 4.58 3.64
C VAL A 163 6.89 3.15 3.42
N SER A 164 5.96 2.21 3.35
CA SER A 164 6.32 0.81 3.14
C SER A 164 5.13 0.04 2.57
N THR A 165 5.39 -1.23 2.24
CA THR A 165 4.38 -2.14 1.73
C THR A 165 4.44 -3.42 2.55
N GLN A 166 3.32 -4.15 2.58
CA GLN A 166 3.20 -5.48 3.21
C GLN A 166 3.26 -5.42 4.73
N LEU A 167 4.30 -4.82 5.29
CA LEU A 167 4.45 -4.73 6.75
C LEU A 167 4.39 -3.27 7.18
N LEU A 168 3.56 -2.96 8.18
CA LEU A 168 3.55 -1.62 8.76
C LEU A 168 4.62 -1.53 9.83
N LEU A 169 5.56 -0.62 9.66
CA LEU A 169 6.71 -0.49 10.55
C LEU A 169 6.56 0.71 11.47
N ASN A 170 7.03 0.55 12.72
CA ASN A 170 7.31 1.67 13.59
C ASN A 170 6.05 2.44 13.98
N GLY A 171 4.88 1.82 13.83
CA GLY A 171 3.63 2.41 14.24
C GLY A 171 3.42 2.17 15.71
N SER A 172 2.15 2.29 16.11
CA SER A 172 1.74 2.00 17.47
C SER A 172 0.97 0.68 17.51
N LEU A 173 1.01 0.03 18.67
CA LEU A 173 0.42 -1.28 18.84
C LEU A 173 -1.03 -1.18 19.30
N ALA A 174 -1.78 -2.24 19.05
CA ALA A 174 -3.09 -2.36 19.66
C ALA A 174 -2.92 -2.58 21.16
N GLU A 175 -3.88 -2.04 21.93
CA GLU A 175 -3.77 -2.04 23.39
C GLU A 175 -4.18 -3.38 24.00
N GLU A 176 -5.16 -4.07 23.43
CA GLU A 176 -5.64 -5.32 24.01
C GLU A 176 -5.34 -6.48 23.06
N GLU A 177 -6.31 -6.84 22.24
CA GLU A 177 -6.15 -7.94 21.30
C GLU A 177 -5.88 -7.41 19.90
N ILE A 178 -5.49 -8.32 19.01
CA ILE A 178 -5.29 -7.96 17.62
C ILE A 178 -6.59 -7.49 17.02
N ILE A 179 -6.51 -6.41 16.25
CA ILE A 179 -7.67 -5.76 15.64
C ILE A 179 -7.59 -5.98 14.14
N ILE A 180 -8.69 -6.44 13.56
CA ILE A 180 -8.80 -6.60 12.11
C ILE A 180 -9.62 -5.42 11.60
N ARG A 181 -9.04 -4.65 10.69
CA ARG A 181 -9.73 -3.50 10.11
C ARG A 181 -9.90 -3.73 8.62
N SER A 182 -11.09 -3.40 8.12
CA SER A 182 -11.35 -3.39 6.69
C SER A 182 -12.61 -2.58 6.48
N GLU A 183 -12.70 -1.95 5.30
CA GLU A 183 -13.91 -1.24 4.95
C GLU A 183 -15.08 -2.18 4.75
N ASN A 184 -14.83 -3.45 4.48
CA ASN A 184 -15.88 -4.44 4.25
C ASN A 184 -15.25 -5.81 4.05
N LEU A 185 -15.20 -6.62 5.10
CA LEU A 185 -14.49 -7.88 5.02
C LEU A 185 -15.07 -8.81 3.96
N THR A 186 -16.35 -8.62 3.60
CA THR A 186 -16.94 -9.45 2.57
C THR A 186 -16.39 -9.11 1.19
N ASN A 187 -16.00 -7.85 0.96
CA ASN A 187 -15.46 -7.43 -0.33
C ASN A 187 -13.95 -7.68 -0.32
N ASN A 188 -13.53 -8.75 -1.01
CA ASN A 188 -12.14 -9.15 -1.01
C ASN A 188 -11.22 -8.10 -1.62
N ALA A 189 -11.74 -7.19 -2.44
CA ALA A 189 -10.89 -6.12 -2.98
C ALA A 189 -10.59 -5.01 -1.97
N LYS A 190 -11.23 -5.02 -0.80
CA LYS A 190 -10.93 -4.03 0.23
C LYS A 190 -9.71 -4.48 1.02
N THR A 191 -8.74 -3.58 1.18
CA THR A 191 -7.55 -3.91 1.95
C THR A 191 -7.92 -4.20 3.41
N ILE A 192 -7.19 -5.14 4.01
CA ILE A 192 -7.37 -5.53 5.41
C ILE A 192 -6.14 -5.04 6.18
N ILE A 193 -6.35 -4.30 7.25
CA ILE A 193 -5.24 -3.81 8.06
C ILE A 193 -5.24 -4.58 9.38
N VAL A 194 -4.19 -5.34 9.63
CA VAL A 194 -4.04 -6.12 10.86
C VAL A 194 -3.22 -5.31 11.86
N HIS A 195 -3.84 -4.93 12.97
CA HIS A 195 -3.19 -4.14 14.01
C HIS A 195 -2.71 -5.11 15.09
N LEU A 196 -1.39 -5.35 15.12
CA LEU A 196 -0.79 -6.23 16.11
C LEU A 196 -0.85 -5.60 17.50
N ASN A 197 -0.89 -6.44 18.52
CA ASN A 197 -0.79 -5.95 19.89
C ASN A 197 0.57 -6.21 20.51
N GLU A 198 1.47 -6.83 19.76
CA GLU A 198 2.85 -7.01 20.19
C GLU A 198 3.75 -6.84 18.99
N SER A 199 4.76 -5.99 19.11
CA SER A 199 5.61 -5.74 17.96
C SER A 199 6.44 -6.98 17.65
N VAL A 200 6.88 -7.07 16.40
CA VAL A 200 7.76 -8.14 15.93
C VAL A 200 8.96 -7.48 15.27
N ASN A 201 10.14 -7.73 15.81
CA ASN A 201 11.34 -7.03 15.42
C ASN A 201 11.81 -7.49 14.05
N ILE A 202 12.25 -6.54 13.22
CA ILE A 202 12.76 -6.86 11.89
C ILE A 202 14.02 -6.03 11.67
N VAL A 203 15.14 -6.71 11.46
CA VAL A 203 16.43 -6.05 11.29
C VAL A 203 16.89 -6.33 9.87
N CYS A 204 16.96 -5.29 9.06
CA CYS A 204 17.48 -5.38 7.70
C CYS A 204 18.83 -4.72 7.65
N THR A 205 19.80 -5.37 7.02
CA THR A 205 21.11 -4.75 6.87
C THR A 205 21.71 -5.08 5.51
N ARG A 206 22.34 -4.05 4.90
CA ARG A 206 23.29 -4.20 3.81
C ARG A 206 24.68 -4.17 4.43
N PRO A 207 25.40 -5.29 4.47
CA PRO A 207 26.66 -5.33 5.22
C PRO A 207 27.75 -4.44 4.62
N ASN A 208 28.74 -4.14 5.45
CA ASN A 208 29.92 -3.41 5.03
C ASN A 208 30.77 -4.27 4.11
N GLY A 213 36.02 -12.72 -3.71
CA GLY A 213 35.98 -11.55 -2.85
C GLY A 213 34.99 -11.77 -1.74
N SER A 214 35.40 -11.53 -0.48
CA SER A 214 34.48 -11.73 0.65
C SER A 214 33.22 -10.88 0.51
N GLY A 215 33.31 -9.73 -0.17
CA GLY A 215 32.15 -8.99 -0.60
C GLY A 215 32.01 -9.10 -2.10
N GLY A 216 30.79 -8.92 -2.61
CA GLY A 216 30.56 -9.10 -4.03
C GLY A 216 29.51 -8.16 -4.58
N ASN A 217 28.52 -7.77 -3.78
CA ASN A 217 27.47 -6.90 -4.28
C ASN A 217 27.00 -5.93 -3.20
N ILE A 218 27.16 -4.64 -3.51
CA ILE A 218 26.71 -3.53 -2.67
C ILE A 218 25.20 -3.36 -2.67
N ARG A 219 24.45 -4.16 -3.44
CA ARG A 219 23.00 -4.03 -3.56
C ARG A 219 22.23 -5.18 -2.95
N GLN A 220 22.90 -6.08 -2.22
CA GLN A 220 22.28 -7.20 -1.52
C GLN A 220 22.13 -6.88 -0.05
N ALA A 221 20.94 -7.08 0.47
CA ALA A 221 20.72 -6.95 1.89
C ALA A 221 19.83 -8.11 2.31
N HIS A 222 19.49 -8.15 3.59
CA HIS A 222 18.65 -9.23 4.08
C HIS A 222 18.02 -8.76 5.38
N CYS A 223 16.92 -9.39 5.75
CA CYS A 223 16.25 -9.08 7.00
C CYS A 223 16.12 -10.34 7.81
N ASN A 224 16.18 -10.18 9.13
CA ASN A 224 15.98 -11.29 10.04
C ASN A 224 14.73 -11.05 10.87
N ILE A 225 14.00 -12.12 11.11
CA ILE A 225 12.78 -12.09 11.91
C ILE A 225 12.79 -13.35 12.77
N ASN A 226 12.55 -13.21 14.07
CA ASN A 226 12.57 -14.36 14.97
C ASN A 226 11.42 -15.30 14.61
N GLU A 227 11.75 -16.55 14.32
CA GLU A 227 10.71 -17.44 13.79
C GLU A 227 9.62 -17.69 14.80
N SER A 228 9.98 -17.95 16.07
CA SER A 228 8.92 -18.26 17.02
C SER A 228 8.07 -17.03 17.30
N LYS A 229 8.67 -15.84 17.30
CA LYS A 229 7.88 -14.63 17.47
C LYS A 229 6.88 -14.47 16.34
N TRP A 230 7.29 -14.82 15.12
CA TRP A 230 6.40 -14.71 13.96
C TRP A 230 5.41 -15.87 13.91
N ASN A 231 5.84 -17.07 14.29
CA ASN A 231 4.93 -18.21 14.44
C ASN A 231 3.81 -17.87 15.42
N ASN A 232 4.15 -17.23 16.54
CA ASN A 232 3.12 -16.87 17.50
C ASN A 232 2.24 -15.76 16.97
N THR A 233 2.80 -14.89 16.13
CA THR A 233 2.02 -13.76 15.60
C THR A 233 0.92 -14.25 14.69
N LEU A 234 1.28 -14.94 13.60
CA LEU A 234 0.27 -15.43 12.67
C LEU A 234 -0.66 -16.46 13.33
N GLN A 235 -0.20 -17.13 14.38
CA GLN A 235 -1.12 -17.91 15.21
C GLN A 235 -2.25 -17.04 15.72
N LYS A 236 -1.91 -15.90 16.33
CA LYS A 236 -2.95 -15.07 16.91
C LYS A 236 -3.66 -14.21 15.86
N VAL A 237 -2.96 -13.89 14.76
CA VAL A 237 -3.65 -13.25 13.64
C VAL A 237 -4.60 -14.24 12.99
N GLY A 238 -4.15 -15.47 12.79
CA GLY A 238 -5.02 -16.50 12.28
C GLY A 238 -6.23 -16.74 13.16
N GLU A 239 -6.07 -16.61 14.48
CA GLU A 239 -7.22 -16.76 15.37
C GLU A 239 -8.24 -15.67 15.13
N GLU A 240 -7.78 -14.42 14.99
CA GLU A 240 -8.74 -13.34 14.76
C GLU A 240 -9.37 -13.43 13.38
N LEU A 241 -8.61 -13.87 12.38
CA LEU A 241 -9.18 -14.00 11.04
C LEU A 241 -10.28 -15.05 11.01
N ALA A 242 -10.06 -16.18 11.70
CA ALA A 242 -11.04 -17.25 11.69
C ALA A 242 -12.38 -16.83 12.30
N LYS A 243 -12.36 -15.91 13.28
CA LYS A 243 -13.60 -15.37 13.82
C LYS A 243 -14.46 -14.76 12.72
N HIS A 244 -13.84 -14.16 11.71
CA HIS A 244 -14.59 -13.49 10.65
C HIS A 244 -14.92 -14.42 9.49
N PHE A 245 -14.12 -15.47 9.30
CA PHE A 245 -14.34 -16.45 8.24
C PHE A 245 -14.40 -17.84 8.88
N PRO A 246 -15.47 -18.14 9.61
CA PRO A 246 -15.48 -19.35 10.43
C PRO A 246 -15.56 -20.61 9.58
N SER A 247 -15.11 -21.72 10.18
CA SER A 247 -15.10 -23.06 9.62
C SER A 247 -14.17 -23.22 8.42
N LYS A 248 -13.28 -22.24 8.17
CA LYS A 248 -12.39 -22.28 7.01
C LYS A 248 -10.94 -22.47 7.47
N THR A 249 -10.18 -23.21 6.66
CA THR A 249 -8.74 -23.22 6.81
C THR A 249 -8.19 -21.87 6.36
N ILE A 250 -7.33 -21.27 7.18
CA ILE A 250 -6.79 -19.94 6.89
C ILE A 250 -5.35 -20.13 6.41
N LYS A 251 -5.09 -19.77 5.16
CA LYS A 251 -3.76 -19.90 4.57
C LYS A 251 -3.14 -18.51 4.37
N PHE A 252 -1.83 -18.42 4.60
CA PHE A 252 -1.03 -17.26 4.23
C PHE A 252 -0.07 -17.67 3.13
N GLU A 253 -0.09 -16.90 2.05
CA GLU A 253 0.62 -17.20 0.82
C GLU A 253 1.33 -15.95 0.35
N PRO A 254 2.41 -16.09 -0.43
CA PRO A 254 3.18 -14.91 -0.85
C PRO A 254 2.36 -14.06 -1.80
N SER A 255 2.90 -12.89 -2.08
CA SER A 255 2.17 -11.89 -2.85
C SER A 255 1.81 -12.43 -4.23
N SER A 256 0.69 -11.96 -4.77
CA SER A 256 0.47 -12.11 -6.21
C SER A 256 1.54 -11.32 -6.96
N GLY A 257 1.67 -11.61 -8.25
CA GLY A 257 2.60 -10.88 -9.08
C GLY A 257 2.23 -9.42 -9.26
N GLY A 258 3.20 -8.66 -9.75
CA GLY A 258 2.97 -7.28 -10.10
C GLY A 258 4.24 -6.47 -9.95
N ASP A 259 4.05 -5.17 -9.71
CA ASP A 259 5.17 -4.27 -9.49
C ASP A 259 5.98 -4.73 -8.29
N LEU A 260 7.30 -4.63 -8.40
CA LEU A 260 8.18 -5.11 -7.34
C LEU A 260 7.91 -4.41 -6.01
N GLU A 261 7.45 -3.15 -6.07
CA GLU A 261 7.17 -2.40 -4.84
C GLU A 261 6.10 -3.08 -4.00
N ILE A 262 5.13 -3.76 -4.62
CA ILE A 262 4.06 -4.38 -3.84
C ILE A 262 4.21 -5.90 -3.73
N THR A 263 5.04 -6.53 -4.58
CA THR A 263 5.21 -7.97 -4.45
C THR A 263 6.27 -8.33 -3.42
N THR A 264 7.07 -7.36 -3.03
CA THR A 264 8.03 -7.49 -1.94
C THR A 264 7.62 -6.54 -0.82
N HIS A 265 8.29 -6.70 0.32
CA HIS A 265 8.18 -5.72 1.39
C HIS A 265 9.19 -4.62 1.06
N SER A 266 8.70 -3.49 0.55
CA SER A 266 9.59 -2.39 0.19
C SER A 266 9.43 -1.25 1.18
N PHE A 267 10.54 -0.58 1.42
CA PHE A 267 10.63 0.49 2.41
C PHE A 267 11.92 1.23 2.12
N ASN A 268 12.04 2.42 2.67
CA ASN A 268 13.26 3.19 2.54
C ASN A 268 14.03 3.13 3.85
N CYS A 269 15.31 2.77 3.77
CA CYS A 269 16.18 2.71 4.93
C CYS A 269 17.35 3.65 4.69
N ARG A 270 17.41 4.72 5.48
CA ARG A 270 18.55 5.64 5.46
C ARG A 270 18.73 6.28 4.09
N GLY A 271 17.64 6.45 3.34
CA GLY A 271 17.72 7.00 2.01
C GLY A 271 17.77 5.96 0.89
N GLU A 272 18.02 4.69 1.21
CA GLU A 272 18.11 3.63 0.22
C GLU A 272 16.77 2.90 0.11
N PHE A 273 16.44 2.46 -1.10
CA PHE A 273 15.18 1.79 -1.36
C PHE A 273 15.40 0.29 -1.34
N PHE A 274 14.87 -0.36 -0.30
CA PHE A 274 15.00 -1.80 -0.07
C PHE A 274 13.78 -2.54 -0.61
N TYR A 275 14.03 -3.68 -1.25
CA TYR A 275 12.96 -4.56 -1.74
C TYR A 275 13.24 -5.94 -1.17
N CYS A 276 12.41 -6.38 -0.25
CA CYS A 276 12.70 -7.59 0.51
C CYS A 276 11.68 -8.68 0.20
N ASN A 277 12.19 -9.82 -0.23
CA ASN A 277 11.36 -10.93 -0.65
C ASN A 277 10.72 -11.58 0.56
N THR A 278 9.40 -11.77 0.54
CA THR A 278 8.69 -12.24 1.73
C THR A 278 8.06 -13.62 1.53
N SER A 279 8.54 -14.38 0.54
CA SER A 279 7.94 -15.68 0.26
C SER A 279 8.12 -16.66 1.41
N ASP A 280 9.18 -16.51 2.20
CA ASP A 280 9.36 -17.38 3.36
C ASP A 280 8.63 -16.86 4.58
N LEU A 281 8.04 -15.67 4.48
CA LEU A 281 7.34 -15.03 5.59
C LEU A 281 5.83 -15.27 5.55
N PHE A 282 5.19 -14.97 4.42
CA PHE A 282 3.75 -15.21 4.24
C PHE A 282 3.56 -16.58 3.60
N ASN A 283 3.65 -17.60 4.43
CA ASN A 283 3.76 -18.96 3.95
C ASN A 283 3.46 -19.90 5.11
N GLY A 284 2.17 -20.09 5.39
CA GLY A 284 1.76 -20.99 6.45
C GLY A 284 0.26 -21.21 6.40
N THR A 285 -0.17 -22.23 7.13
CA THR A 285 -1.57 -22.57 7.22
C THR A 285 -2.02 -22.56 8.67
N TYR A 286 -3.26 -22.13 8.88
CA TYR A 286 -3.88 -22.05 10.20
C TYR A 286 -5.08 -23.00 10.14
N ARG A 287 -4.88 -24.24 10.59
CA ARG A 287 -5.88 -25.29 10.66
C ARG A 287 -6.13 -25.66 12.11
N ASN A 288 -7.38 -26.01 12.41
CA ASN A 288 -7.75 -26.57 13.72
C ASN A 288 -7.10 -25.79 14.86
N GLY A 289 -7.28 -24.48 14.82
CA GLY A 289 -6.79 -23.63 15.88
C GLY A 289 -5.29 -23.51 16.00
N THR A 290 -4.50 -24.18 15.17
CA THR A 290 -3.04 -24.14 15.27
C THR A 290 -2.42 -23.60 13.98
N TYR A 291 -1.41 -22.74 14.12
CA TYR A 291 -0.70 -22.20 12.98
C TYR A 291 0.52 -23.06 12.68
N ASN A 292 0.73 -23.36 11.41
CA ASN A 292 1.82 -24.22 10.97
C ASN A 292 2.60 -23.42 9.92
N HIS A 293 3.74 -22.87 10.33
CA HIS A 293 4.55 -22.15 9.38
C HIS A 293 5.20 -23.13 8.43
N THR A 294 5.15 -22.82 7.14
CA THR A 294 5.77 -23.64 6.11
C THR A 294 6.80 -22.87 5.29
N GLY A 295 7.13 -21.65 5.68
CA GLY A 295 8.22 -20.96 5.03
C GLY A 295 9.56 -21.51 5.47
N ARG A 296 10.59 -21.22 4.68
CA ARG A 296 11.92 -21.67 5.03
C ARG A 296 12.44 -20.92 6.25
N SER A 297 13.33 -21.57 7.01
CA SER A 297 13.90 -21.00 8.21
C SER A 297 15.14 -21.79 8.59
N SER A 298 15.95 -21.23 9.49
CA SER A 298 17.24 -21.82 9.82
C SER A 298 17.50 -21.94 11.31
N ASN A 299 18.26 -20.98 11.84
CA ASN A 299 18.67 -20.96 13.24
C ASN A 299 17.53 -20.42 14.10
N GLY A 300 16.32 -20.92 13.89
CA GLY A 300 15.15 -20.28 14.44
C GLY A 300 14.94 -18.88 13.91
N THR A 301 15.43 -18.59 12.73
CA THR A 301 15.31 -17.24 12.18
C THR A 301 14.82 -17.31 10.73
N ILE A 302 13.91 -16.41 10.38
CA ILE A 302 13.43 -16.29 9.01
C ILE A 302 14.23 -15.19 8.34
N THR A 303 14.80 -15.50 7.18
CA THR A 303 15.60 -14.54 6.44
C THR A 303 14.89 -14.17 5.16
N LEU A 304 14.86 -12.87 4.86
CA LEU A 304 14.37 -12.36 3.59
C LEU A 304 15.54 -11.82 2.80
N GLN A 305 15.69 -12.26 1.55
CA GLN A 305 16.69 -11.64 0.68
C GLN A 305 16.14 -10.32 0.16
N CYS A 306 17.01 -9.30 0.14
CA CYS A 306 16.63 -7.98 -0.34
C CYS A 306 17.58 -7.51 -1.41
N LYS A 307 17.05 -6.66 -2.28
CA LYS A 307 17.85 -5.88 -3.20
C LYS A 307 17.66 -4.40 -2.86
N ILE A 308 18.72 -3.63 -2.98
CA ILE A 308 18.59 -2.17 -3.04
C ILE A 308 18.51 -1.78 -4.50
N LYS A 309 17.51 -0.99 -4.87
CA LYS A 309 17.26 -0.69 -6.27
C LYS A 309 17.43 0.79 -6.54
N GLN A 310 17.80 1.13 -7.77
CA GLN A 310 17.93 2.54 -8.14
C GLN A 310 16.77 3.07 -8.95
N ILE A 311 16.10 2.20 -9.69
CA ILE A 311 14.97 2.57 -10.53
C ILE A 311 13.71 2.13 -9.80
N ILE A 312 12.95 3.08 -9.28
CA ILE A 312 11.79 2.71 -8.48
C ILE A 312 10.52 3.26 -9.11
N ASN A 313 9.44 2.52 -8.93
CA ASN A 313 8.12 2.95 -9.38
C ASN A 313 7.48 3.76 -8.27
N MET A 314 7.11 4.99 -8.59
CA MET A 314 6.73 5.93 -7.57
C MET A 314 5.36 5.60 -7.00
N TRP A 315 5.20 5.94 -5.72
CA TRP A 315 3.92 5.86 -5.04
C TRP A 315 3.20 7.20 -4.97
N GLN A 316 3.89 8.32 -5.22
CA GLN A 316 3.25 9.63 -5.18
C GLN A 316 2.43 9.89 -6.44
N GLU A 317 2.80 9.26 -7.53
CA GLU A 317 2.14 9.42 -8.82
C GLU A 317 2.71 8.34 -9.71
N VAL A 318 2.16 8.22 -10.91
CA VAL A 318 2.59 7.17 -11.82
C VAL A 318 3.86 7.63 -12.51
N GLY A 319 4.91 6.84 -12.41
CA GLY A 319 6.13 7.06 -13.14
C GLY A 319 7.31 6.49 -12.36
N ARG A 320 8.52 6.81 -12.82
CA ARG A 320 9.72 6.24 -12.26
C ARG A 320 10.67 7.33 -11.77
N ALA A 321 11.47 6.98 -10.76
CA ALA A 321 12.48 7.84 -10.18
C ALA A 321 13.78 7.07 -10.16
N ILE A 322 14.88 7.75 -10.42
CA ILE A 322 16.17 7.08 -10.55
C ILE A 322 17.17 7.70 -9.60
N TYR A 323 17.82 6.87 -8.80
CA TYR A 323 18.67 7.30 -7.71
C TYR A 323 20.09 6.81 -7.93
N ALA A 324 21.03 7.38 -7.17
CA ALA A 324 22.42 6.99 -7.29
C ALA A 324 22.63 5.63 -6.61
N PRO A 325 23.75 4.96 -6.85
CA PRO A 325 24.02 3.68 -6.16
C PRO A 325 24.12 3.88 -4.66
N PRO A 326 24.09 2.81 -3.87
CA PRO A 326 24.01 2.99 -2.41
C PRO A 326 25.30 3.55 -1.82
N ILE A 327 25.13 4.18 -0.65
CA ILE A 327 26.25 4.67 0.13
C ILE A 327 27.14 3.52 0.59
N GLU A 328 28.33 3.86 1.10
CA GLU A 328 29.30 2.90 1.60
C GLU A 328 28.94 2.50 3.03
N GLY A 329 29.61 1.46 3.52
CA GLY A 329 29.44 1.05 4.90
C GLY A 329 28.17 0.28 5.13
N GLU A 330 27.95 -0.06 6.39
CA GLU A 330 26.83 -0.91 6.76
C GLU A 330 25.55 -0.08 6.87
N ILE A 331 24.51 -0.53 6.19
CA ILE A 331 23.21 0.14 6.19
C ILE A 331 22.24 -0.74 6.96
N THR A 332 21.78 -0.28 8.11
CA THR A 332 20.91 -1.09 8.95
C THR A 332 19.67 -0.33 9.35
N CYS A 333 18.52 -0.99 9.23
CA CYS A 333 17.28 -0.55 9.86
C CYS A 333 16.81 -1.64 10.80
N ASN A 334 16.81 -1.35 12.09
CA ASN A 334 16.17 -2.18 13.09
C ASN A 334 14.77 -1.60 13.33
N SER A 335 13.74 -2.28 12.83
CA SER A 335 12.38 -1.75 12.89
C SER A 335 11.48 -2.68 13.70
N ASN A 336 10.29 -2.17 13.99
CA ASN A 336 9.26 -2.91 14.70
C ASN A 336 8.06 -3.07 13.77
N ILE A 337 7.75 -4.31 13.37
CA ILE A 337 6.50 -4.59 12.68
C ILE A 337 5.36 -4.42 13.68
N THR A 338 4.49 -3.44 13.41
CA THR A 338 3.32 -3.22 14.25
C THR A 338 2.00 -3.53 13.55
N GLY A 339 2.03 -3.82 12.25
CA GLY A 339 0.81 -4.19 11.55
C GLY A 339 1.13 -4.85 10.25
N LEU A 340 0.09 -5.36 9.59
CA LEU A 340 0.22 -6.00 8.29
C LEU A 340 -0.90 -5.49 7.39
N LEU A 341 -0.63 -5.52 6.08
CA LEU A 341 -1.62 -5.25 5.04
C LEU A 341 -1.89 -6.56 4.31
N LEU A 342 -3.12 -7.05 4.42
CA LEU A 342 -3.50 -8.33 3.83
C LEU A 342 -4.56 -8.13 2.75
N LEU A 343 -4.61 -9.07 1.82
CA LEU A 343 -5.68 -9.12 0.83
C LEU A 343 -6.14 -10.56 0.72
N ARG A 344 -7.45 -10.78 0.72
CA ARG A 344 -8.01 -12.13 0.65
C ARG A 344 -8.30 -12.50 -0.80
N ASP A 345 -7.88 -13.70 -1.21
CA ASP A 345 -8.22 -14.19 -2.54
C ASP A 345 -9.71 -14.35 -2.71
N GLY A 346 -10.19 -14.07 -3.93
CA GLY A 346 -11.57 -14.33 -4.28
C GLY A 346 -11.80 -15.76 -4.78
N GLY A 347 -13.04 -16.21 -4.63
CA GLY A 347 -13.42 -17.58 -4.98
C GLY A 347 -13.52 -17.88 -6.46
N ASP A 354 -13.57 -24.06 -0.85
CA ASP A 354 -14.01 -23.91 0.54
C ASP A 354 -12.81 -23.62 1.45
N THR A 355 -12.15 -22.49 1.23
CA THR A 355 -10.95 -22.11 1.96
C THR A 355 -10.81 -20.59 1.89
N GLU A 356 -9.92 -20.02 2.71
CA GLU A 356 -9.60 -18.59 2.64
C GLU A 356 -8.10 -18.37 2.65
N THR A 357 -7.61 -17.64 1.66
CA THR A 357 -6.19 -17.39 1.44
C THR A 357 -5.90 -15.89 1.53
N PHE A 358 -4.84 -15.53 2.25
CA PHE A 358 -4.49 -14.13 2.47
C PHE A 358 -3.06 -13.91 2.01
N ARG A 359 -2.85 -12.84 1.26
CA ARG A 359 -1.55 -12.42 0.76
C ARG A 359 -1.21 -11.03 1.26
N PRO A 360 0.07 -10.70 1.41
CA PRO A 360 0.43 -9.32 1.74
C PRO A 360 -0.01 -8.37 0.65
N GLY A 361 -0.37 -7.15 1.04
CA GLY A 361 -0.79 -6.12 0.11
C GLY A 361 -0.08 -4.81 0.40
N GLY A 362 -0.77 -3.72 0.13
CA GLY A 362 -0.21 -2.39 0.24
C GLY A 362 -0.05 -1.74 -1.12
N GLY A 363 0.62 -0.59 -1.11
CA GLY A 363 0.82 0.16 -2.35
C GLY A 363 0.24 1.55 -2.27
N ASP A 364 -0.98 1.63 -1.72
CA ASP A 364 -1.65 2.88 -1.44
C ASP A 364 -1.24 3.31 -0.04
N MET A 365 -0.37 4.32 0.04
CA MET A 365 0.18 4.75 1.31
C MET A 365 -0.89 5.38 2.20
N ARG A 366 -2.03 5.75 1.62
CA ARG A 366 -3.14 6.21 2.45
C ARG A 366 -3.50 5.18 3.50
N ASP A 367 -3.43 3.90 3.15
CA ASP A 367 -3.68 2.89 4.17
C ASP A 367 -2.63 2.96 5.27
N ASN A 368 -1.39 3.33 4.95
CA ASN A 368 -0.42 3.45 6.02
C ASN A 368 -0.84 4.55 7.00
N TRP A 369 -1.29 5.69 6.47
CA TRP A 369 -1.73 6.75 7.37
C TRP A 369 -3.03 6.37 8.07
N ARG A 370 -3.92 5.64 7.39
CA ARG A 370 -5.16 5.18 8.03
C ARG A 370 -4.88 4.34 9.27
N SER A 371 -3.82 3.52 9.21
CA SER A 371 -3.53 2.63 10.32
C SER A 371 -3.15 3.36 11.58
N GLU A 372 -2.79 4.65 11.49
CA GLU A 372 -2.55 5.44 12.68
C GLU A 372 -3.61 6.50 12.93
N LEU A 373 -4.30 6.96 11.90
CA LEU A 373 -5.32 7.99 12.04
C LEU A 373 -6.71 7.42 12.26
N TYR A 374 -6.86 6.10 12.38
CA TYR A 374 -8.18 5.50 12.42
C TYR A 374 -9.01 6.07 13.56
N LYS A 375 -8.36 6.36 14.70
CA LYS A 375 -9.08 6.75 15.91
C LYS A 375 -9.45 8.22 15.95
N TYR A 376 -9.11 9.00 14.93
CA TYR A 376 -9.35 10.44 14.97
C TYR A 376 -10.37 10.87 13.92
N LYS A 377 -10.90 12.06 14.15
CA LYS A 377 -11.99 12.58 13.36
C LYS A 377 -12.07 14.07 13.61
N VAL A 378 -12.09 14.85 12.55
CA VAL A 378 -12.10 16.30 12.65
C VAL A 378 -13.55 16.74 12.71
N VAL A 379 -13.84 17.64 13.63
CA VAL A 379 -15.20 18.05 13.89
C VAL A 379 -15.24 19.55 14.06
N GLU A 380 -16.36 20.16 13.65
CA GLU A 380 -16.53 21.60 13.71
C GLU A 380 -17.34 21.98 14.94
N ILE A 381 -16.75 22.78 15.81
CA ILE A 381 -17.46 23.27 17.00
C ILE A 381 -18.28 24.51 16.63
N LYS A 382 -19.39 24.30 15.92
CA LYS A 382 -20.28 25.40 15.54
C LYS A 382 -20.76 26.19 16.75
N GLU B 1 -17.66 11.16 -9.57
CA GLU B 1 -17.81 9.71 -9.44
C GLU B 1 -17.09 8.99 -10.57
N VAL B 2 -16.42 7.90 -10.23
CA VAL B 2 -15.47 7.28 -11.15
C VAL B 2 -16.24 6.47 -12.18
N GLN B 3 -15.84 6.58 -13.45
CA GLN B 3 -16.36 5.71 -14.48
C GLN B 3 -15.28 5.39 -15.50
N LEU B 4 -15.33 4.16 -16.03
CA LEU B 4 -14.44 3.68 -17.07
C LEU B 4 -15.23 3.52 -18.34
N VAL B 5 -14.86 4.26 -19.37
CA VAL B 5 -15.51 4.15 -20.66
C VAL B 5 -14.67 3.21 -21.53
N GLU B 6 -15.23 2.06 -21.86
CA GLU B 6 -14.56 1.04 -22.65
C GLU B 6 -14.95 1.20 -24.11
N SER B 7 -13.99 1.01 -25.02
CA SER B 7 -14.21 1.04 -26.45
C SER B 7 -13.42 -0.07 -27.14
N GLY B 8 -13.78 -0.36 -28.39
CA GLY B 8 -13.12 -1.40 -29.15
C GLY B 8 -13.64 -2.79 -28.83
N GLY B 9 -13.06 -3.78 -29.50
CA GLY B 9 -13.38 -5.17 -29.26
C GLY B 9 -14.33 -5.77 -30.27
N GLY B 10 -15.11 -6.77 -29.84
CA GLY B 10 -16.03 -7.44 -30.74
C GLY B 10 -15.37 -8.55 -31.53
N LEU B 11 -15.83 -8.75 -32.77
CA LEU B 11 -15.42 -9.89 -33.56
C LEU B 11 -14.15 -9.61 -34.38
N VAL B 12 -13.21 -10.54 -34.32
CA VAL B 12 -12.01 -10.51 -35.14
C VAL B 12 -11.88 -11.87 -35.81
N GLN B 13 -11.24 -11.86 -36.97
CA GLN B 13 -10.77 -13.09 -37.59
C GLN B 13 -9.48 -13.56 -36.89
N ALA B 14 -9.28 -14.87 -36.89
CA ALA B 14 -8.07 -15.42 -36.30
C ALA B 14 -6.84 -14.88 -37.03
N GLY B 15 -5.81 -14.55 -36.26
CA GLY B 15 -4.65 -13.85 -36.78
C GLY B 15 -4.82 -12.36 -36.88
N GLY B 16 -6.04 -11.83 -36.63
CA GLY B 16 -6.29 -10.41 -36.80
C GLY B 16 -5.81 -9.54 -35.63
N PHE B 17 -5.96 -8.23 -35.85
CA PHE B 17 -5.62 -7.18 -34.90
C PHE B 17 -6.87 -6.56 -34.32
N LEU B 18 -6.75 -6.10 -33.07
CA LEU B 18 -7.83 -5.44 -32.38
C LEU B 18 -7.22 -4.46 -31.39
N ARG B 19 -7.93 -3.38 -31.13
CA ARG B 19 -7.51 -2.38 -30.16
C ARG B 19 -8.63 -2.18 -29.16
N LEU B 20 -8.25 -2.12 -27.89
CA LEU B 20 -9.17 -1.82 -26.81
C LEU B 20 -8.68 -0.54 -26.18
N SER B 21 -9.61 0.30 -25.75
CA SER B 21 -9.26 1.53 -25.08
C SER B 21 -10.20 1.73 -23.92
N CYS B 22 -9.77 2.54 -22.96
CA CYS B 22 -10.54 2.73 -21.75
C CYS B 22 -10.19 4.08 -21.16
N GLU B 23 -11.18 4.96 -21.15
CA GLU B 23 -11.03 6.30 -20.61
C GLU B 23 -11.44 6.30 -19.15
N LEU B 24 -10.57 6.78 -18.28
CA LEU B 24 -10.90 6.98 -16.89
C LEU B 24 -11.48 8.39 -16.71
N ARG B 25 -12.64 8.48 -16.07
CA ARG B 25 -13.33 9.76 -15.82
C ARG B 25 -13.66 9.90 -14.35
N GLY B 26 -13.64 11.15 -13.86
CA GLY B 26 -13.90 11.39 -12.45
C GLY B 26 -12.81 10.91 -11.52
N SER B 27 -11.59 10.78 -12.02
CA SER B 27 -10.45 10.37 -11.23
C SER B 27 -9.19 10.93 -11.88
N ILE B 28 -8.13 11.15 -11.09
CA ILE B 28 -6.89 11.66 -11.65
C ILE B 28 -6.09 10.51 -12.27
N PHE B 29 -5.96 10.52 -13.59
CA PHE B 29 -5.33 9.43 -14.33
C PHE B 29 -3.94 9.13 -13.81
N ASN B 30 -3.11 10.16 -13.61
CA ASN B 30 -1.72 9.94 -13.25
C ASN B 30 -1.54 9.56 -11.79
N GLN B 31 -2.64 9.34 -11.06
CA GLN B 31 -2.60 8.70 -9.75
C GLN B 31 -2.85 7.20 -9.81
N TYR B 32 -3.28 6.64 -10.93
CA TYR B 32 -3.70 5.24 -10.87
C TYR B 32 -3.16 4.43 -12.04
N ALA B 33 -2.70 3.22 -11.72
CA ALA B 33 -2.38 2.22 -12.72
C ALA B 33 -3.67 1.67 -13.31
N MET B 34 -3.58 1.21 -14.54
CA MET B 34 -4.74 0.66 -15.24
C MET B 34 -4.39 -0.69 -15.83
N ALA B 35 -5.38 -1.57 -15.92
CA ALA B 35 -5.13 -2.95 -16.35
C ALA B 35 -6.32 -3.48 -17.14
N TRP B 36 -6.07 -4.53 -17.90
CA TRP B 36 -7.10 -5.31 -18.57
C TRP B 36 -7.09 -6.73 -18.01
N PHE B 37 -8.24 -7.19 -17.55
CA PHE B 37 -8.46 -8.59 -17.23
C PHE B 37 -9.35 -9.21 -18.29
N ARG B 38 -9.32 -10.53 -18.37
CA ARG B 38 -10.23 -11.22 -19.26
C ARG B 38 -10.85 -12.41 -18.52
N GLN B 39 -12.10 -12.71 -18.86
CA GLN B 39 -12.81 -13.86 -18.30
C GLN B 39 -13.42 -14.65 -19.44
N ALA B 40 -12.88 -15.85 -19.68
CA ALA B 40 -13.44 -16.85 -20.58
C ALA B 40 -14.51 -17.63 -19.83
N PRO B 41 -15.49 -18.19 -20.53
CA PRO B 41 -16.56 -18.91 -19.82
C PRO B 41 -16.00 -20.10 -19.05
N GLY B 42 -16.56 -20.33 -17.87
CA GLY B 42 -16.11 -21.38 -16.97
C GLY B 42 -14.73 -21.17 -16.37
N LYS B 43 -14.15 -19.98 -16.46
CA LYS B 43 -12.81 -19.78 -15.94
C LYS B 43 -12.75 -18.52 -15.08
N GLU B 44 -11.71 -18.47 -14.27
CA GLU B 44 -11.47 -17.34 -13.38
C GLU B 44 -10.96 -16.15 -14.18
N ARG B 45 -11.42 -14.95 -13.80
CA ARG B 45 -10.90 -13.72 -14.39
C ARG B 45 -9.39 -13.66 -14.27
N GLU B 46 -8.71 -13.44 -15.39
CA GLU B 46 -7.25 -13.50 -15.38
C GLU B 46 -6.64 -12.24 -15.97
N PHE B 47 -5.45 -11.92 -15.45
CA PHE B 47 -4.76 -10.69 -15.79
C PHE B 47 -4.22 -10.74 -17.22
N VAL B 48 -4.47 -9.71 -18.00
CA VAL B 48 -3.99 -9.68 -19.37
C VAL B 48 -2.78 -8.76 -19.51
N ALA B 49 -2.98 -7.48 -19.21
CA ALA B 49 -1.96 -6.45 -19.40
C ALA B 49 -2.28 -5.29 -18.48
N GLY B 50 -1.24 -4.64 -17.96
CA GLY B 50 -1.44 -3.51 -17.07
C GLY B 50 -0.28 -2.55 -17.11
N MET B 51 -0.56 -1.29 -16.81
CA MET B 51 0.51 -0.30 -16.76
C MET B 51 0.29 0.78 -15.70
N GLY B 52 1.27 0.93 -14.82
CA GLY B 52 1.43 2.16 -14.08
C GLY B 52 2.70 2.81 -14.59
N ALA B 53 3.79 2.66 -13.86
CA ALA B 53 5.07 3.15 -14.35
C ALA B 53 5.60 2.30 -15.51
N VAL B 54 5.29 1.01 -15.55
CA VAL B 54 5.88 0.08 -16.53
C VAL B 54 4.83 -0.96 -16.92
N PRO B 55 4.90 -1.43 -18.16
CA PRO B 55 3.89 -2.41 -18.62
C PRO B 55 4.14 -3.81 -18.08
N HIS B 56 3.04 -4.53 -17.80
CA HIS B 56 3.10 -5.95 -17.45
C HIS B 56 2.15 -6.71 -18.35
N TYR B 57 2.50 -7.96 -18.65
CA TYR B 57 1.67 -8.80 -19.51
C TYR B 57 1.49 -10.18 -18.89
N GLY B 58 0.29 -10.73 -19.07
CA GLY B 58 0.06 -12.13 -18.70
C GLY B 58 0.94 -13.08 -19.50
N GLU B 59 1.16 -14.27 -18.93
CA GLU B 59 2.05 -15.22 -19.56
C GLU B 59 1.57 -15.65 -20.96
N PHE B 60 0.28 -15.67 -21.21
CA PHE B 60 -0.19 -16.12 -22.52
C PHE B 60 -0.02 -15.07 -23.62
N VAL B 61 0.40 -13.84 -23.28
CA VAL B 61 0.48 -12.76 -24.25
C VAL B 61 1.58 -13.01 -25.28
N LYS B 62 2.81 -13.27 -24.81
CA LYS B 62 3.98 -13.56 -25.68
C LYS B 62 4.26 -12.43 -26.67
N GLY B 63 4.32 -11.21 -26.16
CA GLY B 63 4.70 -10.08 -27.01
C GLY B 63 3.73 -9.77 -28.13
N ARG B 64 2.50 -10.29 -28.08
CA ARG B 64 1.51 -10.00 -29.09
C ARG B 64 0.68 -8.77 -28.77
N PHE B 65 0.69 -8.30 -27.52
CA PHE B 65 -0.14 -7.19 -27.11
C PHE B 65 0.76 -6.07 -26.62
N THR B 66 0.32 -4.83 -26.82
CA THR B 66 1.04 -3.68 -26.33
C THR B 66 0.07 -2.83 -25.53
N ILE B 67 0.46 -2.43 -24.33
CA ILE B 67 -0.36 -1.55 -23.52
C ILE B 67 0.33 -0.21 -23.40
N SER B 68 -0.44 0.87 -23.40
CA SER B 68 0.16 2.19 -23.30
C SER B 68 -0.83 3.15 -22.66
N ARG B 69 -0.30 4.25 -22.12
CA ARG B 69 -1.05 5.27 -21.42
C ARG B 69 -0.98 6.59 -22.17
N ASP B 70 -2.13 7.27 -22.24
CA ASP B 70 -2.20 8.64 -22.75
C ASP B 70 -2.67 9.57 -21.62
N ASN B 71 -1.74 10.33 -21.04
CA ASN B 71 -2.13 11.16 -19.91
C ASN B 71 -3.08 12.28 -20.35
N ALA B 72 -2.84 12.87 -21.52
CA ALA B 72 -3.71 13.95 -21.97
C ALA B 72 -5.15 13.49 -22.10
N LYS B 73 -5.37 12.27 -22.59
CA LYS B 73 -6.72 11.77 -22.82
C LYS B 73 -7.24 10.90 -21.68
N SER B 74 -6.48 10.78 -20.58
CA SER B 74 -6.82 9.87 -19.48
C SER B 74 -7.28 8.53 -20.01
N THR B 75 -6.47 7.96 -20.89
CA THR B 75 -6.88 6.72 -21.57
C THR B 75 -5.72 5.76 -21.63
N VAL B 76 -6.03 4.50 -21.49
CA VAL B 76 -5.04 3.45 -21.63
C VAL B 76 -5.47 2.62 -22.83
N TYR B 77 -4.50 2.11 -23.57
CA TYR B 77 -4.77 1.38 -24.79
C TYR B 77 -4.15 0.00 -24.76
N LEU B 78 -4.88 -0.99 -25.28
CA LEU B 78 -4.38 -2.35 -25.49
C LEU B 78 -4.46 -2.69 -26.98
N GLN B 79 -3.30 -2.78 -27.63
CA GLN B 79 -3.23 -3.24 -29.02
C GLN B 79 -2.96 -4.73 -29.03
N MET B 80 -3.90 -5.51 -29.59
CA MET B 80 -3.77 -6.95 -29.63
C MET B 80 -3.63 -7.38 -31.09
N SER B 81 -2.54 -8.06 -31.39
CA SER B 81 -2.32 -8.64 -32.70
C SER B 81 -2.17 -10.15 -32.56
N SER B 82 -2.24 -10.84 -33.70
CA SER B 82 -2.11 -12.30 -33.76
C SER B 82 -3.10 -12.98 -32.82
N LEU B 83 -4.36 -12.56 -32.89
CA LEU B 83 -5.34 -13.11 -31.99
C LEU B 83 -5.75 -14.51 -32.43
N LYS B 84 -6.12 -15.33 -31.46
CA LYS B 84 -6.40 -16.74 -31.63
C LYS B 84 -7.70 -17.09 -30.90
N PRO B 85 -8.40 -18.15 -31.32
CA PRO B 85 -9.63 -18.54 -30.60
C PRO B 85 -9.45 -18.64 -29.09
N GLU B 86 -8.30 -19.13 -28.62
CA GLU B 86 -7.97 -19.09 -27.20
C GLU B 86 -8.16 -17.70 -26.59
N ASP B 87 -8.01 -16.63 -27.38
CA ASP B 87 -8.13 -15.29 -26.81
C ASP B 87 -9.57 -14.80 -26.67
N THR B 88 -10.57 -15.60 -27.05
CA THR B 88 -11.98 -15.22 -26.91
C THR B 88 -12.41 -15.15 -25.44
N ALA B 89 -12.97 -14.01 -25.04
CA ALA B 89 -13.38 -13.80 -23.63
C ALA B 89 -14.02 -12.42 -23.52
N ILE B 90 -14.56 -12.16 -22.33
CA ILE B 90 -14.98 -10.80 -21.97
C ILE B 90 -13.78 -10.09 -21.36
N TYR B 91 -13.41 -8.95 -21.94
CA TYR B 91 -12.28 -8.15 -21.47
C TYR B 91 -12.78 -6.99 -20.60
N PHE B 92 -12.22 -6.86 -19.40
CA PHE B 92 -12.61 -5.84 -18.44
C PHE B 92 -11.45 -4.87 -18.27
N CYS B 93 -11.73 -3.59 -18.45
CA CYS B 93 -10.87 -2.52 -17.97
C CYS B 93 -10.94 -2.44 -16.45
N ALA B 94 -9.83 -2.10 -15.80
CA ALA B 94 -9.85 -1.93 -14.36
C ALA B 94 -8.90 -0.84 -13.92
N ARG B 95 -9.30 -0.08 -12.91
CA ARG B 95 -8.46 0.94 -12.32
C ARG B 95 -7.85 0.43 -11.02
N SER B 96 -6.55 0.57 -10.88
CA SER B 96 -5.87 0.06 -9.69
C SER B 96 -6.31 0.85 -8.47
N LYS B 97 -6.08 0.28 -7.29
CA LYS B 97 -6.31 1.03 -6.07
C LYS B 97 -5.21 2.04 -5.81
N SER B 98 -4.12 1.97 -6.58
CA SER B 98 -2.94 2.75 -6.27
C SER B 98 -2.21 3.04 -7.59
N THR B 99 -0.95 3.46 -7.49
CA THR B 99 -0.13 3.64 -8.69
C THR B 99 0.45 2.34 -9.22
N TYR B 100 0.15 1.20 -8.59
CA TYR B 100 0.85 -0.04 -8.85
C TYR B 100 -0.05 -1.08 -9.48
N ILE B 101 0.58 -2.03 -10.16
CA ILE B 101 -0.09 -3.10 -10.87
C ILE B 101 0.03 -4.37 -10.06
N SER B 102 -1.10 -5.02 -9.82
CA SER B 102 -1.14 -6.36 -9.27
C SER B 102 -1.72 -7.28 -10.33
N TYR B 103 -1.32 -8.54 -10.31
CA TYR B 103 -1.98 -9.50 -11.20
C TYR B 103 -3.26 -10.06 -10.61
N ASN B 104 -3.49 -9.83 -9.34
CA ASN B 104 -4.68 -10.33 -8.68
C ASN B 104 -5.80 -9.31 -8.86
N SER B 105 -7.00 -9.81 -9.16
CA SER B 105 -8.10 -8.89 -9.40
C SER B 105 -8.43 -8.04 -8.17
N ASN B 106 -8.00 -8.44 -6.97
CA ASN B 106 -8.35 -7.62 -5.80
C ASN B 106 -7.40 -6.42 -5.58
N GLY B 107 -6.54 -6.09 -6.54
CA GLY B 107 -5.82 -4.83 -6.49
C GLY B 107 -6.51 -3.71 -7.23
N TYR B 108 -7.81 -3.87 -7.50
CA TYR B 108 -8.54 -2.95 -8.37
C TYR B 108 -9.89 -2.65 -7.73
N ASP B 109 -10.27 -1.38 -7.65
CA ASP B 109 -11.57 -1.04 -7.11
C ASP B 109 -12.57 -0.50 -8.13
N TYR B 110 -12.21 -0.37 -9.41
CA TYR B 110 -13.18 0.08 -10.40
C TYR B 110 -13.03 -0.73 -11.67
N TRP B 111 -14.16 -1.17 -12.22
CA TRP B 111 -14.20 -2.11 -13.34
C TRP B 111 -15.13 -1.61 -14.43
N GLY B 112 -14.69 -1.74 -15.67
CA GLY B 112 -15.57 -1.51 -16.80
C GLY B 112 -16.64 -2.58 -16.90
N ARG B 113 -17.63 -2.32 -17.75
CA ARG B 113 -18.73 -3.27 -17.88
C ARG B 113 -18.28 -4.55 -18.60
N GLY B 114 -17.17 -4.50 -19.32
CA GLY B 114 -16.66 -5.67 -20.01
C GLY B 114 -17.11 -5.72 -21.45
N THR B 115 -16.20 -5.94 -22.39
CA THR B 115 -16.56 -6.07 -23.80
C THR B 115 -16.12 -7.43 -24.33
N GLN B 116 -17.05 -8.11 -24.99
CA GLN B 116 -16.78 -9.39 -25.58
C GLN B 116 -15.78 -9.24 -26.73
N VAL B 117 -14.70 -10.03 -26.69
CA VAL B 117 -13.84 -10.28 -27.84
C VAL B 117 -14.06 -11.71 -28.28
N THR B 118 -14.44 -11.88 -29.55
CA THR B 118 -14.65 -13.19 -30.15
C THR B 118 -13.71 -13.33 -31.35
N VAL B 119 -12.84 -14.33 -31.29
CA VAL B 119 -11.92 -14.62 -32.38
C VAL B 119 -12.50 -15.78 -33.18
N SER B 120 -12.85 -15.52 -34.42
CA SER B 120 -13.49 -16.50 -35.29
C SER B 120 -12.48 -17.04 -36.30
N SER B 121 -12.45 -18.36 -36.45
CA SER B 121 -11.64 -19.01 -37.48
C SER B 121 -12.48 -19.27 -38.74
N ALA B 122 -12.84 -18.17 -39.41
CA ALA B 122 -13.67 -18.18 -40.65
C ALA B 122 -15.00 -18.89 -40.46
C1 NAG C . -16.73 -2.85 12.90
C2 NAG C . -17.06 -3.90 11.82
C3 NAG C . -18.32 -3.50 11.05
C4 NAG C . -19.46 -3.22 12.02
C5 NAG C . -19.02 -2.19 13.06
C6 NAG C . -20.09 -1.90 14.09
C7 NAG C . -15.05 -5.07 11.03
C8 NAG C . -13.94 -5.09 10.03
N2 NAG C . -15.93 -4.07 10.91
O3 NAG C . -18.68 -4.54 10.14
O4 NAG C . -20.58 -2.70 11.31
O5 NAG C . -17.87 -2.68 13.77
O6 NAG C . -19.68 -2.33 15.38
O7 NAG C . -15.15 -5.92 11.91
C1 NAG D . -12.03 6.32 28.19
C2 NAG D . -12.36 5.48 29.43
C3 NAG D . -11.42 5.84 30.59
C4 NAG D . -9.96 5.75 30.14
C5 NAG D . -9.75 6.60 28.89
C6 NAG D . -8.35 6.50 28.31
C7 NAG D . -14.73 4.84 29.44
C8 NAG D . -16.12 5.21 29.84
N2 NAG D . -13.75 5.68 29.81
O3 NAG D . -11.62 4.94 31.67
O4 NAG D . -9.08 6.17 31.17
O5 NAG D . -10.65 6.17 27.85
O6 NAG D . -7.63 5.42 28.89
O7 NAG D . -14.50 3.82 28.79
C1 NAG E . 12.06 2.43 12.71
C2 NAG E . 13.00 2.78 11.58
C3 NAG E . 14.45 2.51 11.98
C4 NAG E . 14.78 3.25 13.28
C5 NAG E . 13.80 2.82 14.35
C6 NAG E . 14.03 3.55 15.66
C7 NAG E . 12.15 2.63 9.29
C8 NAG E . 11.84 1.72 8.14
N2 NAG E . 12.66 2.04 10.37
O3 NAG E . 15.33 2.91 10.94
O4 NAG E . 16.10 2.95 13.72
O5 NAG E . 12.46 3.12 13.93
O6 NAG E . 13.27 4.75 15.73
O7 NAG E . 11.96 3.85 9.24
C1 NAG F . -19.66 -5.62 1.24
C2 NAG F . -20.83 -4.67 0.92
C3 NAG F . -21.93 -5.37 0.13
C4 NAG F . -21.36 -6.12 -1.07
C5 NAG F . -20.28 -7.08 -0.59
C6 NAG F . -19.65 -7.88 -1.70
C7 NAG F . -21.74 -2.85 2.30
C8 NAG F . -22.25 -2.47 3.66
N2 NAG F . -21.36 -4.12 2.15
O3 NAG F . -22.87 -4.40 -0.34
O4 NAG F . -22.40 -6.86 -1.71
O5 NAG F . -19.25 -6.31 0.04
O6 NAG F . -18.57 -7.19 -2.32
O7 NAG F . -21.69 -2.04 1.38
C1 NAG G . -3.05 -10.09 21.63
C2 NAG G . -2.97 -10.53 23.09
C3 NAG G . -3.19 -12.03 23.20
C4 NAG G . -4.49 -12.44 22.54
C5 NAG G . -4.51 -11.94 21.10
C6 NAG G . -5.81 -12.19 20.39
C7 NAG G . -1.59 -9.45 24.80
C8 NAG G . -2.89 -9.07 25.47
N2 NAG G . -1.69 -10.14 23.66
O3 NAG G . -3.21 -12.39 24.58
O4 NAG G . -4.60 -13.86 22.53
O5 NAG G . -4.30 -10.52 21.07
O6 NAG G . -6.08 -11.16 19.44
O7 NAG G . -0.50 -9.11 25.26
C1 NAG H . 11.08 -14.44 -3.93
C2 NAG H . 10.62 -14.15 -5.36
C3 NAG H . 10.08 -15.41 -5.99
C4 NAG H . 11.17 -16.46 -6.04
C5 NAG H . 11.64 -16.79 -4.64
C6 NAG H . 12.83 -17.73 -4.66
C7 NAG H . 9.83 -11.89 -5.97
C8 NAG H . 8.67 -10.94 -5.95
N2 NAG H . 9.62 -13.10 -5.41
O3 NAG H . 9.65 -15.11 -7.31
O4 NAG H . 10.67 -17.64 -6.65
O5 NAG H . 12.03 -15.59 -3.94
O6 NAG H . 13.11 -18.30 -3.40
O7 NAG H . 10.92 -11.57 -6.44
C1 NAG I . 6.90 -21.79 1.17
C2 NAG I . 6.70 -21.65 -0.34
C3 NAG I . 7.37 -22.81 -1.08
C4 NAG I . 8.85 -22.88 -0.71
C5 NAG I . 8.97 -23.05 0.81
C6 NAG I . 10.41 -23.03 1.26
C7 NAG I . 4.79 -20.74 -1.59
C8 NAG I . 5.79 -19.86 -2.29
N2 NAG I . 5.29 -21.58 -0.68
O3 NAG I . 7.26 -22.65 -2.49
O4 NAG I . 9.49 -23.96 -1.37
O5 NAG I . 8.32 -21.97 1.47
O6 NAG I . 10.93 -21.70 1.28
O7 NAG I . 3.58 -20.69 -1.85
S SO4 J . 17.73 -1.48 -10.39
O1 SO4 J . 18.93 -1.01 -9.70
O2 SO4 J . 16.55 -0.70 -9.99
O3 SO4 J . 17.53 -2.89 -10.09
O4 SO4 J . 17.86 -1.29 -11.83
S SO4 K . 8.64 -3.47 -11.36
O1 SO4 K . 8.70 -2.93 -9.97
O2 SO4 K . 9.53 -2.68 -12.25
O3 SO4 K . 9.02 -4.89 -11.30
O4 SO4 K . 7.26 -3.36 -11.85
S SO4 L . 8.66 2.44 -1.88
O1 SO4 L . 9.27 2.92 -0.60
O2 SO4 L . 8.50 3.57 -2.83
O3 SO4 L . 9.58 1.48 -2.54
O4 SO4 L . 7.33 1.83 -1.63
S SO4 M . -15.48 -13.82 -2.06
O1 SO4 M . -14.91 -12.63 -1.43
O2 SO4 M . -16.05 -13.47 -3.36
O3 SO4 M . -14.42 -14.83 -2.25
O4 SO4 M . -16.54 -14.37 -1.18
S SO4 N . -11.35 7.05 -5.20
O1 SO4 N . -11.29 7.83 -3.95
O2 SO4 N . -11.25 7.94 -6.36
O3 SO4 N . -10.20 6.12 -5.20
O4 SO4 N . -12.61 6.32 -5.27
#